data_9E5R
#
_entry.id   9E5R
#
_cell.length_a   40.878
_cell.length_b   77.954
_cell.length_c   80.006
_cell.angle_alpha   90.00
_cell.angle_beta   90.59
_cell.angle_gamma   90.00
#
_symmetry.space_group_name_H-M   'P 1 21 1'
#
loop_
_entity.id
_entity.type
_entity.pdbx_description
1 polymer 'RNA (76-MER)'
2 non-polymer ethynyl-N-ethylpropiolamide-cobalamin
3 non-polymer N-methylpropane-1,3-diamine
4 non-polymer 'MAGNESIUM ION'
5 non-polymer 'POTASSIUM ION'
6 water water
#
_entity_poly.entity_id   1
_entity_poly.type   'polyribonucleotide'
_entity_poly.pdbx_seq_one_letter_code
;(GDP)GUAAAAGCAUAGUGGGAAAGUGACGUGAAAUUCGUCCACACGAAAGUAAGGUCAUAGUCCGAAUGCCACCUACCA
;
_entity_poly.pdbx_strand_id   A,B
#